data_4R6V
#
_entry.id   4R6V
#
_cell.length_a   139.381
_cell.length_b   139.381
_cell.length_c   50.090
_cell.angle_alpha   90.00
_cell.angle_beta   90.00
_cell.angle_gamma   120.00
#
_symmetry.space_group_name_H-M   'H 3'
#
loop_
_entity.id
_entity.type
_entity.pdbx_description
1 polymer 'Fibroblast growth factor receptor 4'
2 non-polymer N-[4-({[(2,6-dichloro-3,5-dimethoxyphenyl)carbamoyl](6-{[4-(4-methylpiperazin-1-yl)phenyl]amino}pyrimidin-4-yl)amino}methyl)phenyl]propanamide
3 non-polymer 'SULFATE ION'
4 water water
#
_entity_poly.entity_id   1
_entity_poly.type   'polypeptide(L)'
_entity_poly.pdbx_seq_one_letter_code
;MGSSHHHHHHSQDPLLAGLVSLDLPLDPLWEFPRDRLVLGKPLGEGCFGQVVRAEAFGMDPARPDQASTVAVKMLKDNAS
DKDLADLVSEMEVMKLIGRHKNIINLLGVCTQEGPLYVILECAAKGNLREFLRARRPPGPDLSPDGPRSSEGPLSFPVLV
SCAYQVARGMQYLESRKCIHRDLAARNVLVTEDNVMKIADFGLARGVHHIDYYKKTSNGRLPVKWMAPEALFDEVYTHQS
DVWSFGILLWEIFTLGGSPYPGIPVEELFSLLREGHRMDRPPHCPPELYGLMRECWHAAPSQRPTFKQLVEALDKVLLAV
SEE
;
_entity_poly.pdbx_strand_id   A
#
loop_
_chem_comp.id
_chem_comp.type
_chem_comp.name
_chem_comp.formula
FI3 non-polymer N-[4-({[(2,6-dichloro-3,5-dimethoxyphenyl)carbamoyl](6-{[4-(4-methylpiperazin-1-yl)phenyl]amino}pyrimidin-4-yl)amino}methyl)phenyl]propanamide 'C34 H38 Cl2 N8 O4'
SO4 non-polymer 'SULFATE ION' 'O4 S -2'
#
# COMPACT_ATOMS: atom_id res chain seq x y z
N ASP A 13 -17.34 12.23 -23.47
CA ASP A 13 -17.39 11.03 -22.63
C ASP A 13 -18.83 10.61 -22.31
N PRO A 14 -19.39 9.78 -23.20
CA PRO A 14 -20.77 9.31 -23.33
C PRO A 14 -21.51 8.99 -22.04
N LEU A 15 -21.06 7.98 -21.29
CA LEU A 15 -21.80 7.49 -20.14
C LEU A 15 -22.07 8.58 -19.10
N LEU A 16 -21.08 9.44 -18.88
CA LEU A 16 -21.22 10.46 -17.84
C LEU A 16 -22.02 11.65 -18.33
N ALA A 17 -21.76 12.11 -19.56
CA ALA A 17 -22.50 13.23 -20.12
C ALA A 17 -23.94 12.85 -20.49
N GLY A 18 -24.11 11.63 -21.00
CA GLY A 18 -25.40 11.19 -21.55
C GLY A 18 -26.43 10.63 -20.58
N LEU A 19 -25.98 9.93 -19.54
CA LEU A 19 -26.91 9.26 -18.63
C LEU A 19 -27.31 10.19 -17.47
N VAL A 20 -28.60 10.45 -17.33
CA VAL A 20 -29.08 11.29 -16.24
C VAL A 20 -29.01 10.48 -14.94
N SER A 21 -28.90 9.17 -15.10
CA SER A 21 -28.72 8.24 -13.98
C SER A 21 -27.77 7.09 -14.39
N LEU A 22 -26.92 6.69 -13.47
CA LEU A 22 -25.92 5.65 -13.75
C LEU A 22 -26.38 4.32 -13.15
N ASP A 23 -26.77 3.39 -14.02
CA ASP A 23 -27.38 2.15 -13.58
C ASP A 23 -26.39 1.04 -13.27
N LEU A 24 -25.56 1.26 -12.26
CA LEU A 24 -24.67 0.23 -11.78
C LEU A 24 -25.44 -0.84 -11.04
N PRO A 25 -24.94 -2.09 -11.05
CA PRO A 25 -25.72 -3.15 -10.40
C PRO A 25 -25.69 -3.05 -8.87
N LEU A 26 -26.84 -3.27 -8.25
CA LEU A 26 -26.91 -3.30 -6.80
C LEU A 26 -26.23 -4.55 -6.30
N ASP A 27 -25.23 -4.37 -5.44
CA ASP A 27 -24.60 -5.49 -4.75
C ASP A 27 -24.85 -5.35 -3.25
N PRO A 28 -25.80 -6.11 -2.72
CA PRO A 28 -26.31 -5.85 -1.38
C PRO A 28 -25.27 -6.16 -0.28
N LEU A 29 -24.26 -6.94 -0.62
CA LEU A 29 -23.24 -7.26 0.37
C LEU A 29 -22.43 -6.03 0.74
N TRP A 30 -22.39 -5.05 -0.15
CA TRP A 30 -21.49 -3.91 0.01
C TRP A 30 -22.19 -2.54 0.03
N GLU A 31 -23.40 -2.48 -0.50
CA GLU A 31 -24.11 -1.20 -0.64
C GLU A 31 -24.29 -0.58 0.74
N PHE A 32 -24.07 0.73 0.82
CA PHE A 32 -24.08 1.39 2.11
C PHE A 32 -24.99 2.61 2.05
N PRO A 33 -25.83 2.79 3.08
CA PRO A 33 -26.81 3.88 3.13
C PRO A 33 -26.14 5.22 3.05
N ARG A 34 -26.55 6.00 2.06
CA ARG A 34 -25.98 7.32 1.84
C ARG A 34 -26.29 8.28 2.99
N ASP A 35 -27.38 8.04 3.70
CA ASP A 35 -27.76 8.96 4.77
C ASP A 35 -27.08 8.59 6.09
N ARG A 36 -26.28 7.52 6.06
CA ARG A 36 -25.45 7.18 7.22
C ARG A 36 -24.02 7.64 7.00
N LEU A 37 -23.82 8.47 5.99
CA LEU A 37 -22.49 8.94 5.64
C LEU A 37 -22.41 10.46 5.65
N VAL A 38 -21.33 11.03 6.19
CA VAL A 38 -21.14 12.48 6.19
C VAL A 38 -19.76 12.90 5.69
N LEU A 39 -19.73 13.52 4.51
CA LEU A 39 -18.48 13.84 3.84
C LEU A 39 -17.78 15.08 4.42
N GLY A 40 -16.51 14.93 4.74
CA GLY A 40 -15.71 16.02 5.28
C GLY A 40 -14.73 16.58 4.26
N LYS A 41 -13.50 16.88 4.71
CA LYS A 41 -12.55 17.62 3.89
C LYS A 41 -11.54 16.72 3.19
N PRO A 42 -10.99 17.16 2.04
CA PRO A 42 -10.01 16.42 1.24
C PRO A 42 -8.92 15.71 2.06
N LEU A 43 -8.52 14.55 1.56
CA LEU A 43 -7.55 13.70 2.24
C LEU A 43 -6.36 13.45 1.32
N GLY A 44 -5.20 14.01 1.69
CA GLY A 44 -4.03 13.97 0.82
C GLY A 44 -4.03 15.08 -0.23
N GLU A 45 -3.27 14.87 -1.31
CA GLU A 45 -3.19 15.86 -2.39
C GLU A 45 -3.80 15.34 -3.70
N GLY A 46 -4.60 14.28 -3.60
CA GLY A 46 -5.28 13.72 -4.75
C GLY A 46 -4.42 13.55 -6.00
N CYS A 47 -3.39 12.71 -5.89
CA CYS A 47 -2.63 12.19 -7.02
C CYS A 47 -3.40 11.00 -7.61
N PHE A 48 -4.43 10.55 -6.90
CA PHE A 48 -5.16 9.33 -7.18
C PHE A 48 -6.66 9.58 -7.10
N GLY A 49 -7.11 10.71 -7.66
CA GLY A 49 -8.51 11.06 -7.70
C GLY A 49 -8.94 11.96 -6.55
N GLN A 50 -10.23 12.30 -6.50
CA GLN A 50 -10.74 13.08 -5.39
C GLN A 50 -11.08 12.17 -4.22
N VAL A 51 -10.29 12.28 -3.17
CA VAL A 51 -10.47 11.45 -1.99
C VAL A 51 -10.74 12.32 -0.80
N VAL A 52 -11.75 11.94 -0.06
CA VAL A 52 -12.28 12.79 0.98
C VAL A 52 -12.40 12.01 2.30
N ARG A 53 -12.15 12.68 3.42
CA ARG A 53 -12.34 12.06 4.71
C ARG A 53 -13.82 12.13 5.03
N ALA A 54 -14.35 11.22 5.82
CA ALA A 54 -15.77 11.28 6.13
C ALA A 54 -16.08 10.53 7.40
N GLU A 55 -17.25 10.78 7.96
CA GLU A 55 -17.73 10.03 9.11
C GLU A 55 -18.87 9.10 8.68
N ALA A 56 -18.82 7.86 9.17
CA ALA A 56 -19.80 6.85 8.78
C ALA A 56 -20.45 6.20 9.99
N PHE A 57 -21.78 6.17 9.99
CA PHE A 57 -22.53 5.69 11.15
C PHE A 57 -23.03 4.25 10.99
N GLY A 58 -22.95 3.49 12.07
CA GLY A 58 -23.37 2.11 12.05
C GLY A 58 -22.61 1.28 11.04
N MET A 59 -21.33 1.03 11.29
CA MET A 59 -20.52 0.21 10.41
C MET A 59 -20.39 -1.21 10.94
N ASP A 65 -25.22 2.53 15.50
CA ASP A 65 -25.40 3.92 15.91
C ASP A 65 -24.09 4.60 16.32
N GLN A 66 -22.98 3.87 16.22
CA GLN A 66 -21.65 4.43 16.51
C GLN A 66 -20.95 4.92 15.24
N ALA A 67 -20.44 6.16 15.28
CA ALA A 67 -19.71 6.73 14.15
C ALA A 67 -18.25 6.28 14.09
N SER A 68 -17.69 6.20 12.90
CA SER A 68 -16.26 5.97 12.72
C SER A 68 -15.73 6.72 11.50
N THR A 69 -14.47 7.12 11.57
CA THR A 69 -13.86 7.92 10.51
C THR A 69 -13.42 7.05 9.35
N VAL A 70 -13.82 7.42 8.14
CA VAL A 70 -13.52 6.65 6.95
C VAL A 70 -13.02 7.55 5.82
N ALA A 71 -12.48 6.95 4.77
CA ALA A 71 -12.09 7.67 3.58
C ALA A 71 -13.05 7.38 2.45
N VAL A 72 -13.34 8.37 1.61
CA VAL A 72 -14.30 8.17 0.54
C VAL A 72 -13.77 8.67 -0.78
N LYS A 73 -13.77 7.79 -1.78
CA LYS A 73 -13.34 8.21 -3.11
C LYS A 73 -14.53 8.41 -4.04
N MET A 74 -14.53 9.51 -4.78
CA MET A 74 -15.58 9.80 -5.73
C MET A 74 -14.99 10.27 -7.05
N LEU A 75 -15.82 10.42 -8.08
CA LEU A 75 -15.33 10.99 -9.34
C LEU A 75 -15.10 12.50 -9.27
N LYS A 76 -13.97 12.97 -9.79
CA LYS A 76 -13.70 14.40 -9.92
C LYS A 76 -14.75 15.00 -10.85
N ASP A 77 -15.15 16.26 -10.62
CA ASP A 77 -16.33 16.74 -11.32
C ASP A 77 -16.10 16.92 -12.82
N ASN A 78 -14.91 16.65 -13.32
CA ASN A 78 -14.74 16.55 -14.77
C ASN A 78 -14.18 15.17 -15.19
N ALA A 79 -14.64 14.13 -14.50
CA ALA A 79 -14.18 12.77 -14.76
C ALA A 79 -14.55 12.31 -16.17
N SER A 80 -13.65 11.53 -16.78
CA SER A 80 -13.96 10.88 -18.03
C SER A 80 -14.64 9.52 -17.76
N ASP A 81 -15.22 8.94 -18.80
CA ASP A 81 -15.75 7.58 -18.71
C ASP A 81 -14.68 6.59 -18.24
N LYS A 82 -13.43 6.79 -18.64
CA LYS A 82 -12.34 5.94 -18.17
C LYS A 82 -12.09 6.13 -16.67
N ASP A 83 -12.30 7.35 -16.18
CA ASP A 83 -12.21 7.57 -14.75
C ASP A 83 -13.27 6.74 -14.03
N LEU A 84 -14.46 6.69 -14.62
CA LEU A 84 -15.58 5.92 -14.06
C LEU A 84 -15.26 4.43 -14.05
N ALA A 85 -14.74 3.95 -15.18
CA ALA A 85 -14.35 2.55 -15.30
C ALA A 85 -13.23 2.22 -14.33
N ASP A 86 -12.28 3.14 -14.15
CA ASP A 86 -11.16 2.85 -13.24
C ASP A 86 -11.65 2.75 -11.80
N LEU A 87 -12.50 3.68 -11.36
CA LEU A 87 -13.04 3.62 -10.00
C LEU A 87 -13.87 2.34 -9.79
N VAL A 88 -14.72 2.00 -10.77
CA VAL A 88 -15.51 0.80 -10.68
C VAL A 88 -14.61 -0.43 -10.63
N SER A 89 -13.57 -0.47 -11.46
CA SER A 89 -12.61 -1.58 -11.42
C SER A 89 -11.95 -1.75 -10.07
N GLU A 90 -11.46 -0.64 -9.51
CA GLU A 90 -10.80 -0.73 -8.21
C GLU A 90 -11.77 -1.28 -7.19
N MET A 91 -12.99 -0.76 -7.23
CA MET A 91 -14.08 -1.17 -6.37
C MET A 91 -14.27 -2.69 -6.42
N GLU A 92 -14.47 -3.21 -7.63
CA GLU A 92 -14.69 -4.63 -7.79
C GLU A 92 -13.48 -5.45 -7.29
N VAL A 93 -12.27 -4.96 -7.57
CA VAL A 93 -11.10 -5.71 -7.10
C VAL A 93 -11.03 -5.75 -5.57
N MET A 94 -11.36 -4.64 -4.91
CA MET A 94 -11.32 -4.62 -3.45
C MET A 94 -12.36 -5.56 -2.82
N LYS A 95 -13.49 -5.77 -3.52
CA LYS A 95 -14.49 -6.72 -3.05
C LYS A 95 -13.94 -8.16 -2.92
N LEU A 96 -13.12 -8.58 -3.87
CA LEU A 96 -12.66 -9.97 -3.93
C LEU A 96 -11.50 -10.26 -2.98
N ILE A 97 -10.77 -9.22 -2.59
CA ILE A 97 -9.53 -9.41 -1.85
C ILE A 97 -9.76 -9.91 -0.43
N GLY A 98 -10.81 -9.43 0.22
CA GLY A 98 -11.13 -9.89 1.55
C GLY A 98 -10.48 -9.01 2.60
N ARG A 99 -10.88 -9.19 3.85
CA ARG A 99 -10.39 -8.32 4.90
C ARG A 99 -9.08 -8.80 5.51
N HIS A 100 -8.18 -7.85 5.75
CA HIS A 100 -7.05 -8.11 6.61
C HIS A 100 -6.65 -6.85 7.35
N LYS A 101 -6.19 -7.01 8.58
CA LYS A 101 -5.85 -5.90 9.45
C LYS A 101 -4.77 -5.00 8.84
N ASN A 102 -3.87 -5.58 8.08
CA ASN A 102 -2.72 -4.84 7.57
C ASN A 102 -2.84 -4.43 6.10
N ILE A 103 -4.08 -4.29 5.64
CA ILE A 103 -4.33 -3.68 4.33
C ILE A 103 -5.48 -2.66 4.43
N ILE A 104 -5.50 -1.69 3.53
CA ILE A 104 -6.62 -0.75 3.48
C ILE A 104 -7.84 -1.50 2.96
N ASN A 105 -8.83 -1.72 3.80
CA ASN A 105 -10.01 -2.50 3.39
C ASN A 105 -11.15 -1.66 2.80
N LEU A 106 -11.86 -2.24 1.83
CA LEU A 106 -13.15 -1.70 1.41
C LEU A 106 -14.11 -1.82 2.57
N LEU A 107 -14.84 -0.74 2.86
CA LEU A 107 -15.85 -0.79 3.91
C LEU A 107 -17.28 -0.71 3.36
N GLY A 108 -17.43 -0.16 2.16
CA GLY A 108 -18.76 -0.02 1.59
C GLY A 108 -18.76 0.76 0.30
N VAL A 109 -19.93 0.76 -0.36
CA VAL A 109 -20.13 1.50 -1.60
C VAL A 109 -21.51 2.13 -1.65
N CYS A 110 -21.60 3.25 -2.36
CA CYS A 110 -22.89 3.85 -2.68
C CYS A 110 -22.95 3.94 -4.20
N THR A 111 -23.82 3.11 -4.80
CA THR A 111 -23.95 3.04 -6.26
C THR A 111 -25.38 3.32 -6.71
N GLN A 112 -26.33 3.13 -5.79
CA GLN A 112 -27.74 3.23 -6.13
C GLN A 112 -28.28 4.61 -5.82
N GLU A 113 -28.82 5.24 -6.86
CA GLU A 113 -29.52 6.52 -6.76
C GLU A 113 -28.73 7.69 -6.19
N GLY A 114 -27.53 7.92 -6.73
CA GLY A 114 -26.73 9.09 -6.41
C GLY A 114 -25.33 8.97 -7.02
N PRO A 115 -24.44 9.92 -6.71
CA PRO A 115 -23.02 9.87 -7.12
C PRO A 115 -22.35 8.57 -6.64
N LEU A 116 -21.39 8.08 -7.40
CA LEU A 116 -20.62 6.90 -7.02
C LEU A 116 -19.65 7.20 -5.87
N TYR A 117 -19.86 6.57 -4.71
CA TYR A 117 -18.92 6.72 -3.59
C TYR A 117 -18.30 5.38 -3.25
N VAL A 118 -16.99 5.38 -3.05
CA VAL A 118 -16.28 4.19 -2.57
C VAL A 118 -15.73 4.47 -1.19
N ILE A 119 -16.24 3.73 -0.21
CA ILE A 119 -15.90 3.95 1.17
C ILE A 119 -14.83 2.98 1.64
N LEU A 120 -13.76 3.50 2.22
CA LEU A 120 -12.69 2.62 2.70
C LEU A 120 -12.00 3.12 3.97
N GLU A 121 -11.11 2.29 4.49
CA GLU A 121 -10.47 2.58 5.76
C GLU A 121 -9.65 3.85 5.64
N CYS A 122 -9.68 4.64 6.71
CA CYS A 122 -8.90 5.85 6.76
C CYS A 122 -7.65 5.60 7.59
N ALA A 123 -6.52 6.11 7.13
CA ALA A 123 -5.28 6.05 7.89
C ALA A 123 -4.87 7.45 8.25
N ALA A 124 -5.12 7.87 9.49
CA ALA A 124 -4.98 9.27 9.84
C ALA A 124 -3.54 9.82 9.77
N LYS A 125 -2.53 8.97 9.95
CA LYS A 125 -1.18 9.50 10.07
C LYS A 125 -0.35 9.52 8.80
N GLY A 126 -0.98 9.36 7.63
CA GLY A 126 -0.26 9.42 6.36
C GLY A 126 0.52 8.17 5.99
N ASN A 127 1.41 8.27 5.01
CA ASN A 127 2.15 7.09 4.58
C ASN A 127 3.38 6.84 5.46
N LEU A 128 3.95 5.65 5.30
CA LEU A 128 4.97 5.23 6.23
C LEU A 128 6.29 6.00 6.03
N ARG A 129 6.62 6.37 4.80
CA ARG A 129 7.83 7.17 4.57
C ARG A 129 7.80 8.51 5.33
N GLU A 130 6.71 9.27 5.18
CA GLU A 130 6.60 10.55 5.89
C GLU A 130 6.57 10.36 7.40
N PHE A 131 5.82 9.36 7.85
CA PHE A 131 5.72 9.06 9.28
C PHE A 131 7.12 8.90 9.90
N LEU A 132 7.97 8.12 9.25
CA LEU A 132 9.31 7.88 9.75
C LEU A 132 10.15 9.17 9.69
N ARG A 133 10.14 9.84 8.54
CA ARG A 133 10.95 11.04 8.36
C ARG A 133 10.62 12.12 9.40
N ALA A 134 9.34 12.31 9.67
CA ALA A 134 8.90 13.30 10.65
C ALA A 134 9.38 12.98 12.06
N ARG A 135 9.62 11.71 12.36
CA ARG A 135 10.04 11.34 13.71
C ARG A 135 11.52 10.96 13.84
N ARG A 136 12.32 11.39 12.85
CA ARG A 136 13.77 11.21 12.91
C ARG A 136 14.36 11.95 14.08
N PRO A 137 15.35 11.33 14.76
CA PRO A 137 16.10 11.98 15.84
C PRO A 137 16.92 13.14 15.26
N PRO A 138 17.41 14.04 16.13
CA PRO A 138 18.26 15.14 15.68
C PRO A 138 19.53 14.69 14.95
N GLY A 152 14.50 5.42 21.25
CA GLY A 152 13.63 6.58 21.07
C GLY A 152 12.29 6.27 20.44
N PRO A 153 11.70 7.27 19.78
CA PRO A 153 10.38 7.18 19.12
C PRO A 153 10.36 6.13 18.01
N LEU A 154 11.49 5.99 17.33
CA LEU A 154 11.65 5.02 16.27
C LEU A 154 12.70 4.01 16.67
N SER A 155 12.53 3.41 17.84
CA SER A 155 13.43 2.36 18.29
C SER A 155 13.42 1.11 17.42
N PHE A 156 14.45 0.28 17.59
CA PHE A 156 14.51 -1.00 16.94
C PHE A 156 13.17 -1.77 17.00
N PRO A 157 12.55 -1.94 18.19
CA PRO A 157 11.27 -2.66 18.21
C PRO A 157 10.15 -2.03 17.39
N VAL A 158 10.08 -0.70 17.37
CA VAL A 158 9.06 -0.03 16.56
C VAL A 158 9.30 -0.30 15.08
N LEU A 159 10.57 -0.27 14.66
CA LEU A 159 10.91 -0.46 13.26
C LEU A 159 10.63 -1.89 12.80
N VAL A 160 11.08 -2.87 13.59
CA VAL A 160 10.80 -4.27 13.32
C VAL A 160 9.28 -4.49 13.27
N SER A 161 8.56 -3.88 14.21
CA SER A 161 7.12 -4.01 14.23
C SER A 161 6.48 -3.47 12.94
N CYS A 162 6.99 -2.37 12.40
CA CYS A 162 6.47 -1.84 11.13
C CYS A 162 6.66 -2.88 10.01
N ALA A 163 7.88 -3.40 9.93
CA ALA A 163 8.24 -4.37 8.92
C ALA A 163 7.38 -5.63 9.03
N TYR A 164 7.24 -6.12 10.27
CA TYR A 164 6.45 -7.29 10.55
C TYR A 164 5.01 -7.15 10.03
N GLN A 165 4.40 -6.00 10.31
CA GLN A 165 3.00 -5.78 9.96
C GLN A 165 2.82 -5.81 8.46
N VAL A 166 3.72 -5.14 7.74
CA VAL A 166 3.69 -5.09 6.29
C VAL A 166 3.86 -6.51 5.72
N ALA A 167 4.75 -7.28 6.34
CA ALA A 167 5.01 -8.64 5.88
C ALA A 167 3.75 -9.48 6.07
N ARG A 168 3.04 -9.24 7.17
CA ARG A 168 1.79 -9.96 7.38
C ARG A 168 0.76 -9.56 6.32
N GLY A 169 0.68 -8.28 6.03
CA GLY A 169 -0.17 -7.79 4.95
C GLY A 169 0.18 -8.43 3.61
N MET A 170 1.46 -8.43 3.26
CA MET A 170 1.86 -9.05 2.00
C MET A 170 1.57 -10.56 1.97
N GLN A 171 1.89 -11.27 3.06
CA GLN A 171 1.57 -12.69 3.13
C GLN A 171 0.07 -12.89 2.88
N TYR A 172 -0.77 -12.07 3.49
CA TYR A 172 -2.20 -12.20 3.25
C TYR A 172 -2.52 -11.98 1.77
N LEU A 173 -2.04 -10.88 1.21
CA LEU A 173 -2.28 -10.59 -0.21
C LEU A 173 -1.82 -11.74 -1.11
N GLU A 174 -0.61 -12.24 -0.85
CA GLU A 174 -0.10 -13.36 -1.61
C GLU A 174 -1.09 -14.53 -1.56
N SER A 175 -1.54 -14.89 -0.36
CA SER A 175 -2.45 -16.02 -0.20
C SER A 175 -3.77 -15.84 -0.98
N ARG A 176 -4.08 -14.59 -1.33
CA ARG A 176 -5.25 -14.26 -2.13
C ARG A 176 -4.84 -14.07 -3.59
N LYS A 177 -3.64 -14.52 -3.91
CA LYS A 177 -3.11 -14.49 -5.26
C LYS A 177 -2.99 -13.07 -5.82
N CYS A 178 -2.84 -12.09 -4.95
CA CYS A 178 -2.67 -10.72 -5.41
C CYS A 178 -1.19 -10.31 -5.42
N ILE A 179 -0.72 -9.84 -6.58
CA ILE A 179 0.63 -9.33 -6.74
C ILE A 179 0.57 -7.82 -6.71
N HIS A 180 1.30 -7.19 -5.82
CA HIS A 180 1.13 -5.75 -5.61
C HIS A 180 1.77 -4.92 -6.72
N ARG A 181 3.03 -5.23 -7.03
CA ARG A 181 3.81 -4.60 -8.11
C ARG A 181 4.40 -3.23 -7.75
N ASP A 182 3.90 -2.56 -6.72
CA ASP A 182 4.46 -1.26 -6.35
C ASP A 182 4.67 -1.10 -4.85
N LEU A 183 5.15 -2.14 -4.19
CA LEU A 183 5.35 -2.07 -2.75
C LEU A 183 6.50 -1.11 -2.39
N ALA A 184 6.19 -0.14 -1.53
CA ALA A 184 7.14 0.86 -1.07
C ALA A 184 6.57 1.52 0.17
N ALA A 185 7.42 2.18 0.96
CA ALA A 185 6.98 2.85 2.17
C ALA A 185 5.93 3.93 1.87
N ARG A 186 6.06 4.60 0.73
CA ARG A 186 5.10 5.63 0.34
C ARG A 186 3.71 4.98 0.12
N ASN A 187 3.68 3.67 -0.12
CA ASN A 187 2.42 2.96 -0.30
C ASN A 187 1.98 2.14 0.91
N VAL A 188 2.49 2.47 2.09
CA VAL A 188 2.03 1.84 3.33
C VAL A 188 1.46 2.97 4.16
N LEU A 189 0.25 2.81 4.67
CA LEU A 189 -0.39 3.91 5.40
C LEU A 189 -0.44 3.59 6.89
N VAL A 190 -0.44 4.63 7.71
CA VAL A 190 -0.36 4.47 9.16
C VAL A 190 -1.64 5.00 9.79
N THR A 191 -2.27 4.17 10.61
CA THR A 191 -3.54 4.56 11.20
C THR A 191 -3.28 5.30 12.49
N GLU A 192 -4.36 5.85 13.04
CA GLU A 192 -4.36 6.54 14.31
C GLU A 192 -3.67 5.76 15.42
N ASP A 193 -3.76 4.43 15.33
CA ASP A 193 -3.20 3.55 16.34
C ASP A 193 -1.91 2.94 15.82
N ASN A 194 -1.25 3.63 14.91
CA ASN A 194 0.03 3.18 14.37
C ASN A 194 0.01 1.76 13.79
N VAL A 195 -1.10 1.36 13.20
CA VAL A 195 -1.13 0.09 12.46
C VAL A 195 -0.70 0.34 11.01
N MET A 196 0.12 -0.55 10.47
CA MET A 196 0.52 -0.47 9.06
C MET A 196 -0.58 -1.06 8.18
N LYS A 197 -0.96 -0.33 7.14
CA LYS A 197 -1.98 -0.78 6.18
C LYS A 197 -1.49 -0.55 4.76
N ILE A 198 -1.26 -1.63 4.04
CA ILE A 198 -0.77 -1.52 2.68
C ILE A 198 -1.86 -0.90 1.82
N ALA A 199 -1.43 0.09 1.04
CA ALA A 199 -2.29 0.80 0.09
C ALA A 199 -1.94 0.29 -1.29
N ASP A 200 -2.85 0.48 -2.24
CA ASP A 200 -2.58 0.00 -3.57
C ASP A 200 -3.29 0.89 -4.56
N PHE A 201 -2.54 1.79 -5.17
CA PHE A 201 -3.07 2.76 -6.11
C PHE A 201 -3.05 2.24 -7.55
N GLY A 202 -2.85 0.94 -7.72
CA GLY A 202 -2.74 0.37 -9.04
C GLY A 202 -3.75 -0.71 -9.41
N LEU A 203 -4.87 -0.78 -8.70
CA LEU A 203 -5.85 -1.84 -8.93
C LEU A 203 -6.61 -1.75 -10.27
N ALA A 204 -6.62 -0.58 -10.89
CA ALA A 204 -7.34 -0.41 -12.17
C ALA A 204 -6.45 -0.76 -13.36
N PRO A 222 9.69 4.52 -8.64
CA PRO A 222 9.09 3.19 -8.89
C PRO A 222 10.14 2.17 -9.32
N VAL A 223 11.01 2.60 -10.21
CA VAL A 223 12.11 1.79 -10.69
C VAL A 223 13.04 1.31 -9.57
N LYS A 224 13.31 2.15 -8.59
CA LYS A 224 14.24 1.81 -7.53
C LYS A 224 13.67 0.75 -6.58
N TRP A 225 12.42 0.37 -6.80
CA TRP A 225 11.72 -0.66 -6.02
C TRP A 225 11.49 -1.94 -6.83
N MET A 226 11.87 -1.94 -8.12
CA MET A 226 11.58 -3.10 -8.98
C MET A 226 12.70 -4.13 -9.04
N ALA A 227 12.35 -5.39 -8.78
CA ALA A 227 13.19 -6.54 -9.06
C ALA A 227 13.73 -6.49 -10.49
N PRO A 228 14.98 -6.96 -10.68
CA PRO A 228 15.61 -6.97 -12.00
C PRO A 228 14.74 -7.61 -13.07
N GLU A 229 14.08 -8.72 -12.75
CA GLU A 229 13.25 -9.40 -13.73
C GLU A 229 12.03 -8.55 -14.11
N ALA A 230 11.65 -7.63 -13.24
CA ALA A 230 10.52 -6.77 -13.53
C ALA A 230 10.99 -5.56 -14.36
N LEU A 231 12.15 -5.02 -14.01
CA LEU A 231 12.84 -4.01 -14.81
C LEU A 231 13.10 -4.45 -16.26
N PHE A 232 13.59 -5.68 -16.40
CA PHE A 232 14.07 -6.23 -17.65
C PHE A 232 12.92 -6.73 -18.54
N ASP A 233 12.07 -7.58 -18.00
CA ASP A 233 11.09 -8.31 -18.80
C ASP A 233 9.65 -8.05 -18.40
N GLU A 234 9.44 -7.09 -17.52
CA GLU A 234 8.11 -6.78 -17.01
C GLU A 234 7.41 -8.01 -16.45
N VAL A 235 8.22 -8.88 -15.87
CA VAL A 235 7.78 -10.04 -15.11
C VAL A 235 7.49 -9.61 -13.67
N TYR A 236 6.25 -9.76 -13.23
CA TYR A 236 5.89 -9.45 -11.85
C TYR A 236 5.37 -10.67 -11.11
N THR A 237 6.05 -11.03 -10.03
CA THR A 237 5.64 -12.20 -9.27
C THR A 237 5.58 -11.85 -7.78
N HIS A 238 5.17 -12.81 -6.96
CA HIS A 238 5.25 -12.63 -5.51
C HIS A 238 6.68 -12.44 -5.09
N GLN A 239 7.58 -13.09 -5.83
CA GLN A 239 8.99 -13.02 -5.50
C GLN A 239 9.57 -11.66 -5.91
N SER A 240 8.97 -11.02 -6.90
CA SER A 240 9.42 -9.67 -7.22
C SER A 240 8.88 -8.69 -6.17
N ASP A 241 7.71 -8.99 -5.59
CA ASP A 241 7.22 -8.21 -4.45
C ASP A 241 8.18 -8.36 -3.26
N VAL A 242 8.73 -9.56 -3.08
CA VAL A 242 9.68 -9.79 -2.01
C VAL A 242 10.90 -8.89 -2.19
N TRP A 243 11.40 -8.78 -3.41
CA TRP A 243 12.46 -7.81 -3.71
C TRP A 243 12.06 -6.41 -3.23
N SER A 244 10.86 -5.96 -3.57
CA SER A 244 10.45 -4.60 -3.19
C SER A 244 10.36 -4.50 -1.68
N PHE A 245 9.94 -5.59 -1.04
CA PHE A 245 9.83 -5.59 0.41
C PHE A 245 11.20 -5.34 1.04
N GLY A 246 12.23 -5.96 0.46
CA GLY A 246 13.61 -5.70 0.85
C GLY A 246 13.97 -4.22 0.76
N ILE A 247 13.57 -3.57 -0.33
CA ILE A 247 13.79 -2.13 -0.48
C ILE A 247 12.99 -1.34 0.58
N LEU A 248 11.75 -1.76 0.83
CA LEU A 248 10.93 -1.19 1.89
C LEU A 248 11.60 -1.36 3.26
N LEU A 249 12.21 -2.52 3.47
CA LEU A 249 12.93 -2.80 4.71
C LEU A 249 14.08 -1.80 4.91
N TRP A 250 14.81 -1.54 3.83
CA TRP A 250 15.88 -0.55 3.85
C TRP A 250 15.28 0.85 4.11
N GLU A 251 14.15 1.14 3.47
CA GLU A 251 13.45 2.40 3.72
C GLU A 251 13.12 2.56 5.20
N ILE A 252 12.61 1.50 5.82
CA ILE A 252 12.26 1.55 7.23
C ILE A 252 13.50 1.89 8.09
N PHE A 253 14.61 1.18 7.90
CA PHE A 253 15.72 1.33 8.82
C PHE A 253 16.64 2.52 8.54
N THR A 254 16.44 3.19 7.41
CA THR A 254 17.04 4.49 7.21
C THR A 254 16.02 5.57 7.56
N LEU A 255 14.95 5.19 8.25
CA LEU A 255 13.93 6.14 8.73
C LEU A 255 13.35 6.98 7.60
N GLY A 256 12.98 6.34 6.50
CA GLY A 256 12.41 7.04 5.38
C GLY A 256 13.44 7.54 4.38
N GLY A 257 14.61 6.90 4.34
CA GLY A 257 15.62 7.28 3.38
C GLY A 257 15.23 6.97 1.94
N SER A 258 15.80 7.72 0.99
CA SER A 258 15.57 7.46 -0.43
C SER A 258 16.56 6.42 -0.95
N PRO A 259 16.07 5.38 -1.62
CA PRO A 259 16.89 4.27 -2.11
C PRO A 259 17.94 4.71 -3.12
N TYR A 260 19.07 3.98 -3.19
CA TYR A 260 20.15 4.28 -4.14
C TYR A 260 20.46 5.77 -4.27
N PRO A 261 20.92 6.42 -3.18
CA PRO A 261 21.16 7.85 -3.31
C PRO A 261 22.26 8.20 -4.32
N GLY A 262 21.99 9.21 -5.14
CA GLY A 262 22.99 9.74 -6.04
C GLY A 262 23.08 8.92 -7.29
N ILE A 263 22.15 7.99 -7.49
CA ILE A 263 22.17 7.17 -8.68
C ILE A 263 20.97 7.47 -9.59
N PRO A 264 21.25 7.88 -10.83
CA PRO A 264 20.22 8.19 -11.82
C PRO A 264 19.46 6.94 -12.22
N VAL A 265 18.14 7.05 -12.34
CA VAL A 265 17.28 5.89 -12.57
C VAL A 265 17.68 5.10 -13.82
N GLU A 266 18.20 5.79 -14.83
CA GLU A 266 18.64 5.16 -16.08
C GLU A 266 19.81 4.19 -15.87
N GLU A 267 20.64 4.45 -14.88
CA GLU A 267 21.84 3.64 -14.62
C GLU A 267 21.57 2.38 -13.80
N LEU A 268 20.43 2.34 -13.12
CA LEU A 268 20.17 1.32 -12.13
C LEU A 268 20.22 -0.12 -12.67
N PHE A 269 19.71 -0.37 -13.87
CA PHE A 269 19.66 -1.75 -14.34
C PHE A 269 21.04 -2.35 -14.52
N SER A 270 21.94 -1.65 -15.20
CA SER A 270 23.31 -2.16 -15.36
C SER A 270 23.96 -2.28 -13.99
N LEU A 271 23.69 -1.33 -13.10
CA LEU A 271 24.18 -1.41 -11.73
C LEU A 271 23.72 -2.68 -11.04
N LEU A 272 22.42 -2.95 -11.11
CA LEU A 272 21.86 -4.15 -10.45
C LEU A 272 22.33 -5.46 -11.12
N ARG A 273 22.45 -5.44 -12.44
CA ARG A 273 23.01 -6.54 -13.19
C ARG A 273 24.45 -6.80 -12.74
N GLU A 274 25.24 -5.74 -12.66
CA GLU A 274 26.62 -5.86 -12.22
C GLU A 274 26.74 -6.12 -10.73
N GLY A 275 25.60 -6.31 -10.06
CA GLY A 275 25.60 -6.83 -8.70
C GLY A 275 25.55 -5.80 -7.58
N HIS A 276 25.38 -4.53 -7.92
CA HIS A 276 25.28 -3.49 -6.90
C HIS A 276 24.10 -3.74 -5.94
N ARG A 277 24.31 -3.48 -4.66
CA ARG A 277 23.23 -3.55 -3.67
C ARG A 277 23.46 -2.45 -2.64
N MET A 278 22.37 -1.93 -2.07
CA MET A 278 22.51 -0.93 -1.01
C MET A 278 23.19 -1.51 0.22
N ASP A 279 23.93 -0.64 0.91
CA ASP A 279 24.69 -1.00 2.10
C ASP A 279 23.80 -1.01 3.35
N ARG A 280 24.35 -1.51 4.46
CA ARG A 280 23.63 -1.59 5.72
C ARG A 280 23.36 -0.21 6.29
N PRO A 281 22.10 0.07 6.64
CA PRO A 281 21.76 1.33 7.33
C PRO A 281 22.32 1.34 8.74
N PRO A 282 22.74 2.52 9.23
CA PRO A 282 23.31 2.69 10.57
C PRO A 282 22.43 2.08 11.67
N HIS A 283 21.13 2.32 11.56
CA HIS A 283 20.18 1.76 12.50
C HIS A 283 19.82 0.30 12.17
N CYS A 284 20.80 -0.54 11.82
CA CYS A 284 20.43 -1.88 11.38
C CYS A 284 21.39 -3.00 11.80
N PRO A 285 20.94 -3.88 12.69
CA PRO A 285 21.66 -5.09 13.05
C PRO A 285 22.02 -5.89 11.81
N PRO A 286 23.24 -6.42 11.76
CA PRO A 286 23.68 -7.30 10.67
C PRO A 286 22.66 -8.36 10.28
N GLU A 287 21.94 -8.91 11.26
CA GLU A 287 20.98 -9.97 10.98
C GLU A 287 19.77 -9.48 10.15
N LEU A 288 19.31 -8.27 10.42
CA LEU A 288 18.22 -7.71 9.63
C LEU A 288 18.68 -7.31 8.24
N TYR A 289 19.92 -6.82 8.16
CA TYR A 289 20.53 -6.50 6.89
C TYR A 289 20.65 -7.78 6.07
N GLY A 290 20.96 -8.89 6.73
CA GLY A 290 21.02 -10.18 6.10
C GLY A 290 19.70 -10.51 5.42
N LEU A 291 18.59 -10.13 6.05
CA LEU A 291 17.29 -10.39 5.47
C LEU A 291 17.10 -9.57 4.19
N MET A 292 17.33 -8.27 4.31
CA MET A 292 17.30 -7.39 3.16
C MET A 292 18.02 -7.99 1.99
N ARG A 293 19.26 -8.45 2.24
CA ARG A 293 20.13 -8.88 1.16
C ARG A 293 19.58 -10.16 0.54
N GLU A 294 18.97 -11.00 1.36
CA GLU A 294 18.30 -12.16 0.79
C GLU A 294 17.10 -11.78 -0.08
N CYS A 295 16.37 -10.72 0.30
CA CYS A 295 15.28 -10.24 -0.55
C CYS A 295 15.79 -9.76 -1.92
N TRP A 296 17.05 -9.34 -1.98
CA TRP A 296 17.61 -8.81 -3.21
C TRP A 296 18.46 -9.83 -3.97
N HIS A 297 18.18 -11.09 -3.74
CA HIS A 297 18.84 -12.16 -4.48
C HIS A 297 18.48 -12.05 -5.96
N ALA A 298 19.45 -12.26 -6.85
CA ALA A 298 19.16 -12.18 -8.28
C ALA A 298 18.16 -13.25 -8.69
N ALA A 299 18.36 -14.46 -8.20
CA ALA A 299 17.43 -15.54 -8.49
C ALA A 299 16.19 -15.48 -7.61
N PRO A 300 15.01 -15.29 -8.22
CA PRO A 300 13.76 -15.18 -7.46
C PRO A 300 13.53 -16.34 -6.46
N SER A 301 13.99 -17.54 -6.80
CA SER A 301 13.79 -18.70 -5.93
C SER A 301 14.68 -18.64 -4.69
N GLN A 302 15.74 -17.83 -4.72
CA GLN A 302 16.63 -17.77 -3.56
C GLN A 302 16.31 -16.60 -2.64
N ARG A 303 15.20 -15.90 -2.93
CA ARG A 303 14.70 -14.87 -2.03
C ARG A 303 13.75 -15.56 -1.07
N PRO A 304 13.64 -15.05 0.17
CA PRO A 304 12.70 -15.66 1.12
C PRO A 304 11.26 -15.48 0.63
N THR A 305 10.35 -16.31 1.12
CA THR A 305 8.93 -16.09 0.89
C THR A 305 8.40 -15.16 1.99
N PHE A 306 7.19 -14.65 1.80
CA PHE A 306 6.64 -13.74 2.79
C PHE A 306 6.31 -14.47 4.08
N LYS A 307 5.92 -15.73 3.98
CA LYS A 307 5.75 -16.56 5.17
C LYS A 307 7.04 -16.60 6.00
N GLN A 308 8.19 -16.78 5.34
CA GLN A 308 9.45 -16.82 6.08
C GLN A 308 9.79 -15.47 6.68
N LEU A 309 9.50 -14.42 5.93
CA LEU A 309 9.77 -13.07 6.39
C LEU A 309 8.96 -12.75 7.64
N VAL A 310 7.68 -13.12 7.63
CA VAL A 310 6.81 -12.98 8.80
C VAL A 310 7.38 -13.72 10.02
N GLU A 311 7.75 -14.99 9.85
CA GLU A 311 8.27 -15.80 10.95
C GLU A 311 9.60 -15.25 11.46
N ALA A 312 10.51 -14.86 10.56
CA ALA A 312 11.78 -14.28 10.97
C ALA A 312 11.57 -12.98 11.77
N LEU A 313 10.70 -12.11 11.27
CA LEU A 313 10.49 -10.82 11.93
C LEU A 313 9.77 -11.02 13.28
N ASP A 314 8.83 -11.96 13.32
CA ASP A 314 8.14 -12.33 14.56
C ASP A 314 9.14 -12.78 15.63
N LYS A 315 10.11 -13.61 15.27
CA LYS A 315 11.09 -14.07 16.24
C LYS A 315 11.92 -12.91 16.79
N VAL A 316 12.32 -11.99 15.93
CA VAL A 316 13.12 -10.85 16.40
C VAL A 316 12.28 -10.05 17.40
N LEU A 317 10.98 -9.94 17.15
CA LEU A 317 10.10 -9.19 18.03
C LEU A 317 10.03 -9.81 19.41
N LEU A 318 9.81 -11.12 19.48
CA LEU A 318 9.78 -11.81 20.76
C LEU A 318 11.09 -11.61 21.53
N ALA A 319 12.21 -11.86 20.85
CA ALA A 319 13.54 -11.71 21.43
C ALA A 319 13.67 -10.39 22.19
N VAL A 320 13.16 -9.31 21.61
CA VAL A 320 13.18 -8.02 22.26
C VAL A 320 12.37 -8.01 23.56
CAV FI3 B . 0.66 12.43 -4.79
CAW FI3 B . 0.66 12.59 -3.34
CBL FI3 B . -0.70 12.14 -2.81
OAF FI3 B . -1.69 12.81 -3.14
NBF FI3 B . -0.79 10.94 -1.96
CBO FI3 B . -2.00 10.39 -1.43
CAO FI3 B . -2.03 9.12 -0.83
CAM FI3 B . -3.21 8.63 -0.34
CAN FI3 B . -3.14 11.11 -1.52
CAL FI3 B . -4.31 10.62 -1.04
CBN FI3 B . -4.32 9.39 -0.47
CBC FI3 B . -5.68 9.02 0.03
NCB FI3 B . -6.00 7.63 0.43
CBM FI3 B . -6.36 6.68 -0.57
OAG FI3 B . -6.33 7.01 -1.68
NBG FI3 B . -6.76 5.36 -0.20
CBX FI3 B . -7.13 4.34 -1.17
CBU FI3 B . -8.20 4.48 -2.05
CLI FI3 B . -9.18 5.90 -2.13
CBT FI3 B . -6.43 3.18 -1.16
CLH FI3 B . -5.22 3.17 -0.01
CBV FI3 B . -6.72 2.15 -2.00
OBI FI3 B . -5.97 0.97 -1.96
CAA FI3 B . -6.58 -0.19 -2.31
CAU FI3 B . -7.79 2.32 -2.89
CBW FI3 B . -8.52 3.48 -2.92
OBJ FI3 B . -9.61 3.67 -3.80
CAB FI3 B . -9.75 2.79 -4.90
C4 FI3 B . -6.04 7.33 1.81
C5 FI3 B . -5.42 8.16 2.74
N3 FI3 B . -6.66 6.27 2.24
C2 FI3 B . -6.67 6.05 3.55
N1 FI3 B . -6.11 6.78 4.48
C6 FI3 B . -5.47 7.85 4.11
NBH FI3 B . -4.87 8.65 5.03
CBP FI3 B . -3.94 9.60 4.65
CAQ FI3 B . -2.98 9.27 3.69
CAS FI3 B . -2.03 10.18 3.29
CAP FI3 B . -3.94 10.82 5.22
CAR FI3 B . -2.99 11.74 4.82
CBR FI3 B . -2.05 11.39 3.83
NCA FI3 B . -1.03 12.31 3.36
CAZ FI3 B . -0.90 13.53 3.87
CAX FI3 B . 0.11 14.37 3.35
NBZ FI3 B . 0.95 13.94 2.40
CAC FI3 B . 1.94 14.77 1.90
CAY FI3 B . 0.80 12.71 1.89
CBA FI3 B . -0.21 11.87 2.39
S SO4 C . 17.77 10.92 3.10
O1 SO4 C . 17.44 12.12 3.86
O2 SO4 C . 18.00 9.83 4.05
O3 SO4 C . 16.67 10.58 2.20
O4 SO4 C . 18.98 11.17 2.33
S SO4 D . 11.57 14.60 0.73
O1 SO4 D . 11.42 14.60 -0.73
O2 SO4 D . 10.48 13.86 1.34
O3 SO4 D . 12.85 13.96 1.07
O4 SO4 D . 11.57 15.98 1.22
#